data_5YC7
#
_entry.id   5YC7
#
_cell.length_a   121.575
_cell.length_b   121.575
_cell.length_c   42.212
_cell.angle_alpha   90.00
_cell.angle_beta   90.00
_cell.angle_gamma   120.00
#
_symmetry.space_group_name_H-M   'H 3'
#
loop_
_entity.id
_entity.type
_entity.pdbx_description
1 polymer 'Urokinase-type plasminogen activator'
2 non-polymer 1-(4-BROMOPHENYL)METHANAMINE
3 non-polymer 'SULFATE ION'
4 water water
#
_entity_poly.entity_id   1
_entity_poly.type   'polypeptide(L)'
_entity_poly.pdbx_seq_one_letter_code
;IIGGEFTTIENQPWFAAIYRRHRGGSVTYVCGGSLISPCWVISATHCFIDYPKKEDYIVYLGRSRLNSNTQGEMKFEVEN
LILHKDYSADTLAHHNDIALLKIRSKEGRCAQPSRTIQTIALPSMYNDPQFGTSCEITGFGKEQSTDYLYPEQLKMTVVK
LISHRECQQPHYYGSEVTTKMLCAADPQWKTDSCQGDSGGPLVCSLQGRMTLTGIVSWGRGCALKDKPGVYTRVSHFLPW
IRSHTK
;
_entity_poly.pdbx_strand_id   U
#
loop_
_chem_comp.id
_chem_comp.type
_chem_comp.name
_chem_comp.formula
PZH non-polymer 1-(4-BROMOPHENYL)METHANAMINE 'C7 H8 Br N'
SO4 non-polymer 'SULFATE ION' 'O4 S -2'
#
# COMPACT_ATOMS: atom_id res chain seq x y z
N ILE A 1 -10.52 2.67 -3.16
CA ILE A 1 -10.25 4.11 -3.42
C ILE A 1 -11.59 4.81 -3.58
N ILE A 2 -11.81 5.88 -2.80
CA ILE A 2 -12.99 6.72 -2.92
C ILE A 2 -12.74 7.78 -3.97
N GLY A 3 -13.68 7.96 -4.88
CA GLY A 3 -13.48 8.86 -6.01
C GLY A 3 -12.37 8.36 -6.92
N GLY A 4 -11.61 9.28 -7.47
CA GLY A 4 -10.55 8.97 -8.41
C GLY A 4 -11.09 8.31 -9.66
N GLU A 5 -10.27 7.47 -10.27
CA GLU A 5 -10.65 6.88 -11.55
C GLU A 5 -10.17 5.45 -11.66
N PHE A 6 -10.85 4.70 -12.53
CA PHE A 6 -10.40 3.38 -12.90
C PHE A 6 -9.14 3.52 -13.74
N THR A 7 -8.22 2.61 -13.53
CA THR A 7 -6.96 2.62 -14.27
C THR A 7 -6.63 1.19 -14.64
N THR A 8 -5.44 0.97 -15.17
CA THR A 8 -4.96 -0.38 -15.43
C THR A 8 -3.57 -0.52 -14.83
N ILE A 9 -3.09 -1.75 -14.74
CA ILE A 9 -1.80 -2.04 -14.12
C ILE A 9 -0.63 -1.31 -14.81
N GLU A 10 -0.77 -0.95 -16.09
CA GLU A 10 0.31 -0.27 -16.82
C GLU A 10 0.60 1.10 -16.23
N ASN A 11 -0.42 1.75 -15.66
CA ASN A 11 -0.23 3.02 -15.01
C ASN A 11 0.32 2.92 -13.60
N GLN A 12 0.39 1.71 -13.05
CA GLN A 12 0.92 1.52 -11.70
C GLN A 12 1.58 0.12 -11.59
N PRO A 13 2.62 -0.11 -12.40
CA PRO A 13 3.10 -1.47 -12.66
C PRO A 13 3.88 -2.10 -11.52
N TRP A 14 4.17 -1.33 -10.48
CA TRP A 14 4.67 -1.81 -9.20
C TRP A 14 3.58 -2.36 -8.24
N PHE A 15 2.30 -2.14 -8.55
CA PHE A 15 1.23 -2.59 -7.67
C PHE A 15 1.10 -4.11 -7.58
N ALA A 16 1.08 -4.62 -6.35
CA ALA A 16 0.98 -6.04 -6.06
C ALA A 16 -0.37 -6.32 -5.40
N ALA A 17 -1.06 -7.37 -5.86
CA ALA A 17 -2.38 -7.72 -5.34
C ALA A 17 -2.19 -8.95 -4.46
N ILE A 18 -2.50 -8.83 -3.16
CA ILE A 18 -2.20 -9.89 -2.17
C ILE A 18 -3.50 -10.55 -1.71
N TYR A 19 -3.55 -11.89 -1.84
CA TYR A 19 -4.74 -12.69 -1.53
C TYR A 19 -4.40 -13.75 -0.45
N ARG A 20 -5.41 -14.25 0.23
CA ARG A 20 -5.23 -15.35 1.17
C ARG A 20 -6.05 -16.60 0.83
N ARG A 21 -5.39 -17.73 0.87
CA ARG A 21 -5.98 -19.04 0.68
C ARG A 21 -6.82 -19.46 1.86
N HIS A 22 -7.99 -19.98 1.60
CA HIS A 22 -8.92 -20.30 2.66
C HIS A 22 -9.27 -21.79 2.72
N ARG A 23 -9.42 -22.30 3.92
CA ARG A 23 -9.93 -23.65 4.07
C ARG A 23 -11.36 -23.64 3.56
N GLY A 24 -11.71 -24.69 2.85
CA GLY A 24 -12.90 -24.66 2.02
C GLY A 24 -12.54 -24.25 0.62
N GLY A 25 -11.28 -23.88 0.41
CA GLY A 25 -10.71 -23.60 -0.88
C GLY A 25 -10.94 -22.22 -1.46
N SER A 26 -11.66 -21.35 -0.74
CA SER A 26 -11.90 -20.01 -1.25
C SER A 26 -10.63 -19.18 -1.15
N VAL A 27 -10.43 -18.28 -2.10
CA VAL A 27 -9.33 -17.34 -2.04
C VAL A 27 -9.87 -15.94 -2.13
N THR A 28 -9.48 -15.09 -1.18
CA THR A 28 -10.03 -13.76 -1.10
C THR A 28 -8.96 -12.71 -0.94
N TYR A 29 -9.26 -11.51 -1.38
CA TYR A 29 -8.28 -10.43 -1.42
C TYR A 29 -8.00 -9.90 -0.06
N VAL A 30 -6.73 -9.62 0.22
CA VAL A 30 -6.26 -9.13 1.51
C VAL A 30 -5.91 -7.64 1.44
N CYS A 31 -4.90 -7.30 0.67
CA CYS A 31 -4.31 -5.96 0.69
C CYS A 31 -3.50 -5.71 -0.57
N GLY A 32 -3.14 -4.45 -0.80
CA GLY A 32 -2.16 -4.11 -1.79
C GLY A 32 -0.73 -4.27 -1.29
N GLY A 33 0.19 -3.99 -2.21
CA GLY A 33 1.62 -3.96 -1.94
C GLY A 33 2.31 -3.25 -3.08
N SER A 34 3.63 -3.12 -2.97
CA SER A 34 4.50 -2.55 -4.00
C SER A 34 5.77 -3.33 -4.20
N LEU A 35 6.12 -3.55 -5.47
CA LEU A 35 7.33 -4.25 -5.86
C LEU A 35 8.54 -3.31 -5.78
N ILE A 36 9.41 -3.53 -4.81
CA ILE A 36 10.56 -2.64 -4.63
C ILE A 36 11.85 -3.23 -5.19
N SER A 37 11.85 -4.53 -5.44
CA SER A 37 12.93 -5.19 -6.16
C SER A 37 12.33 -6.42 -6.78
N PRO A 38 13.07 -7.11 -7.65
CA PRO A 38 12.52 -8.32 -8.29
C PRO A 38 11.94 -9.38 -7.36
N CYS A 39 12.51 -9.56 -6.18
CA CYS A 39 12.09 -10.61 -5.24
C CYS A 39 11.28 -10.09 -4.04
N TRP A 40 11.09 -8.78 -3.93
CA TRP A 40 10.53 -8.20 -2.72
C TRP A 40 9.32 -7.27 -2.96
N VAL A 41 8.24 -7.57 -2.24
CA VAL A 41 7.05 -6.73 -2.19
C VAL A 41 6.94 -6.15 -0.79
N ILE A 42 6.74 -4.83 -0.73
CA ILE A 42 6.51 -4.14 0.54
C ILE A 42 5.01 -3.82 0.73
N SER A 43 4.53 -3.98 1.94
CA SER A 43 3.10 -3.85 2.30
C SER A 43 3.00 -3.39 3.77
N ALA A 44 1.82 -3.61 4.40
CA ALA A 44 1.53 -3.14 5.76
C ALA A 44 1.38 -4.36 6.67
N THR A 45 2.03 -4.33 7.83
CA THR A 45 1.94 -5.47 8.77
C THR A 45 0.52 -5.80 9.18
N HIS A 46 -0.34 -4.80 9.29
CA HIS A 46 -1.67 -5.03 9.76
C HIS A 46 -2.48 -5.94 8.88
N CYS A 47 -2.14 -6.01 7.62
CA CYS A 47 -2.81 -6.89 6.71
C CYS A 47 -2.66 -8.32 7.15
N PHE A 48 -1.53 -8.65 7.73
CA PHE A 48 -1.16 -10.02 8.02
C PHE A 48 -1.13 -10.47 9.47
N ILE A 49 -1.24 -9.54 10.39
CA ILE A 49 -0.98 -9.85 11.78
C ILE A 49 -1.89 -10.93 12.33
N ASP A 50 -3.15 -10.95 11.94
CA ASP A 50 -4.12 -11.96 12.34
C ASP A 50 -3.84 -13.38 11.87
N TYR A 51 -3.29 -13.53 10.67
CA TYR A 51 -2.95 -14.81 10.07
C TYR A 51 -1.54 -14.80 9.53
N PRO A 52 -0.53 -15.07 10.46
CA PRO A 52 0.81 -14.79 9.98
C PRO A 52 1.57 -15.91 9.27
N LYS A 53 0.94 -16.97 8.78
CA LYS A 53 1.70 -17.94 8.00
C LYS A 53 1.79 -17.62 6.52
N LYS A 54 3.00 -17.59 6.03
CA LYS A 54 3.28 -17.20 4.68
C LYS A 54 2.60 -18.12 3.71
N GLU A 55 2.47 -19.37 4.07
CA GLU A 55 1.95 -20.39 3.18
C GLU A 55 0.57 -20.07 2.72
N ASP A 56 -0.13 -19.26 3.50
CA ASP A 56 -1.49 -18.87 3.19
C ASP A 56 -1.66 -17.83 2.10
N TYR A 57 -0.61 -17.13 1.70
CA TYR A 57 -0.73 -15.98 0.80
C TYR A 57 -0.23 -16.20 -0.60
N ILE A 58 -0.83 -15.43 -1.52
CA ILE A 58 -0.50 -15.45 -2.92
C ILE A 58 -0.34 -13.98 -3.35
N VAL A 59 0.71 -13.69 -4.10
CA VAL A 59 0.95 -12.35 -4.63
C VAL A 59 0.84 -12.41 -6.15
N TYR A 60 0.00 -11.55 -6.71
CA TYR A 60 -0.05 -11.29 -8.14
C TYR A 60 0.58 -9.95 -8.47
N LEU A 61 1.39 -9.95 -9.52
CA LEU A 61 1.87 -8.75 -10.17
C LEU A 61 1.23 -8.71 -11.55
N GLY A 62 1.20 -7.54 -12.17
CA GLY A 62 0.67 -7.39 -13.53
C GLY A 62 -0.83 -7.51 -13.62
N ARG A 63 -1.52 -7.34 -12.50
CA ARG A 63 -2.94 -7.64 -12.42
C ARG A 63 -3.77 -6.37 -12.36
N SER A 64 -4.67 -6.21 -13.33
CA SER A 64 -5.56 -5.05 -13.42
C SER A 64 -6.95 -5.31 -12.85
N ARG A 65 -7.30 -6.56 -12.60
CA ARG A 65 -8.64 -6.93 -12.10
C ARG A 65 -8.56 -7.84 -10.90
N LEU A 66 -9.59 -7.73 -10.05
CA LEU A 66 -9.58 -8.32 -8.72
C LEU A 66 -9.80 -9.84 -8.72
N ASN A 67 -10.80 -10.28 -9.46
CA ASN A 67 -11.26 -11.67 -9.40
C ASN A 67 -11.36 -12.28 -10.78
N SER A 68 -10.61 -11.74 -11.74
CA SER A 68 -10.45 -12.36 -13.06
C SER A 68 -9.03 -12.07 -13.53
N ASN A 69 -8.64 -12.71 -14.63
CA ASN A 69 -7.25 -12.72 -15.07
C ASN A 69 -6.93 -11.55 -16.02
N THR A 70 -5.71 -11.02 -15.92
CA THR A 70 -5.18 -9.98 -16.81
C THR A 70 -4.05 -10.61 -17.57
N GLN A 71 -3.99 -10.31 -18.86
CA GLN A 71 -2.91 -10.80 -19.73
C GLN A 71 -1.57 -10.22 -19.26
N GLY A 72 -0.62 -11.10 -19.04
CA GLY A 72 0.70 -10.72 -18.55
C GLY A 72 0.87 -10.82 -17.04
N GLU A 73 -0.19 -11.14 -16.31
CA GLU A 73 -0.10 -11.27 -14.85
C GLU A 73 0.85 -12.41 -14.45
N MET A 74 1.42 -12.33 -13.26
CA MET A 74 2.33 -13.36 -12.74
C MET A 74 1.97 -13.66 -11.30
N LYS A 75 1.82 -14.94 -11.01
CA LYS A 75 1.47 -15.43 -9.69
C LYS A 75 2.72 -15.88 -8.93
N PHE A 76 2.79 -15.51 -7.66
CA PHE A 76 3.94 -15.82 -6.79
C PHE A 76 3.51 -16.35 -5.45
N GLU A 77 4.34 -17.19 -4.86
CA GLU A 77 4.14 -17.61 -3.47
C GLU A 77 5.05 -16.79 -2.56
N VAL A 78 4.76 -16.86 -1.27
CA VAL A 78 5.47 -16.06 -0.28
C VAL A 78 6.55 -16.93 0.40
N GLU A 79 7.80 -16.69 0.04
CA GLU A 79 8.95 -17.42 0.56
C GLU A 79 9.33 -16.92 1.95
N ASN A 80 9.06 -15.65 2.23
CA ASN A 80 9.40 -15.04 3.50
C ASN A 80 8.41 -13.91 3.81
N LEU A 81 7.67 -14.04 4.92
CA LEU A 81 6.73 -13.01 5.38
C LEU A 81 7.32 -12.35 6.61
N ILE A 82 7.80 -11.12 6.44
CA ILE A 82 8.48 -10.37 7.50
C ILE A 82 7.58 -9.26 8.00
N LEU A 83 7.02 -9.43 9.20
CA LEU A 83 6.26 -8.39 9.88
C LEU A 83 7.12 -7.66 10.91
N HIS A 84 6.80 -6.39 11.17
CA HIS A 84 7.63 -5.55 12.03
C HIS A 84 7.44 -5.91 13.52
N LYS A 85 8.55 -6.22 14.22
CA LYS A 85 8.49 -6.64 15.64
C LYS A 85 7.76 -5.66 16.56
N ASP A 86 7.98 -4.38 16.32
CA ASP A 86 7.32 -3.30 17.05
C ASP A 86 5.96 -2.86 16.55
N TYR A 87 5.25 -3.67 15.77
CA TYR A 87 3.91 -3.27 15.38
C TYR A 87 2.98 -3.18 16.56
N SER A 88 2.20 -2.13 16.62
CA SER A 88 1.09 -2.07 17.54
C SER A 88 0.01 -1.20 17.00
N ALA A 89 -1.19 -1.40 17.50
CA ALA A 89 -2.31 -0.63 17.02
C ALA A 89 -3.06 0.05 18.14
N ASP A 90 -3.42 1.30 17.91
CA ASP A 90 -4.16 2.13 18.84
C ASP A 90 -5.57 1.68 18.61
N THR A 91 -6.52 2.43 19.12
CA THR A 91 -7.90 2.36 18.66
C THR A 91 -7.96 2.78 17.19
N LEU A 92 -7.19 3.79 16.82
CA LEU A 92 -7.19 4.22 15.43
C LEU A 92 -5.90 3.88 14.72
N ALA A 93 -4.81 4.38 15.26
CA ALA A 93 -3.53 4.36 14.61
C ALA A 93 -2.85 3.03 14.65
N HIS A 94 -2.05 2.74 13.63
CA HIS A 94 -1.21 1.56 13.65
C HIS A 94 0.17 2.09 13.60
N HIS A 95 1.10 1.44 14.29
CA HIS A 95 2.48 1.89 14.41
C HIS A 95 3.48 0.91 13.87
N ASN A 96 4.49 1.38 13.19
CA ASN A 96 5.43 0.54 12.43
C ASN A 96 4.68 -0.43 11.47
N ASP A 97 3.66 0.11 10.82
CA ASP A 97 2.77 -0.68 9.98
C ASP A 97 3.39 -0.89 8.61
N ILE A 98 4.37 -1.80 8.59
CA ILE A 98 5.19 -2.07 7.42
C ILE A 98 5.56 -3.55 7.43
N ALA A 99 5.57 -4.14 6.23
CA ALA A 99 5.83 -5.56 6.04
C ALA A 99 6.54 -5.83 4.73
N LEU A 100 7.32 -6.92 4.72
CA LEU A 100 7.97 -7.41 3.51
C LEU A 100 7.56 -8.83 3.19
N LEU A 101 7.38 -9.07 1.90
CA LEU A 101 7.06 -10.39 1.36
C LEU A 101 8.12 -10.69 0.32
N LYS A 102 8.86 -11.76 0.55
CA LYS A 102 9.82 -12.24 -0.43
C LYS A 102 9.10 -13.17 -1.37
N ILE A 103 9.08 -12.86 -2.65
CA ILE A 103 8.30 -13.63 -3.60
C ILE A 103 9.07 -14.53 -4.53
N ARG A 104 8.51 -15.70 -4.81
CA ARG A 104 9.07 -16.55 -5.83
C ARG A 104 8.01 -17.37 -6.49
N SER A 105 8.18 -17.64 -7.77
CA SER A 105 7.27 -18.49 -8.48
C SER A 105 7.49 -19.94 -8.11
N LYS A 106 6.50 -20.76 -8.44
CA LYS A 106 6.61 -22.19 -8.20
C LYS A 106 7.78 -22.70 -9.02
N GLU A 107 8.10 -21.99 -10.08
CA GLU A 107 9.23 -22.29 -10.90
C GLU A 107 10.51 -21.63 -10.35
N GLY A 108 10.38 -20.90 -9.26
CA GLY A 108 11.51 -20.33 -8.56
C GLY A 108 12.03 -18.98 -9.02
N ARG A 109 11.38 -18.37 -10.00
CA ARG A 109 11.77 -17.07 -10.50
C ARG A 109 11.23 -15.90 -9.70
N CYS A 110 11.97 -14.82 -9.62
CA CYS A 110 11.45 -13.57 -9.07
C CYS A 110 10.80 -12.77 -10.23
N ALA A 111 10.38 -11.54 -9.98
CA ALA A 111 9.69 -10.74 -11.00
C ALA A 111 10.63 -10.31 -12.15
N GLN A 112 10.14 -10.45 -13.38
CA GLN A 112 10.77 -9.89 -14.58
C GLN A 112 9.93 -8.72 -15.13
N PRO A 113 10.54 -7.53 -15.26
CA PRO A 113 9.87 -6.38 -15.85
C PRO A 113 9.21 -6.61 -17.22
N SER A 114 8.13 -5.89 -17.46
CA SER A 114 7.39 -5.93 -18.70
C SER A 114 6.52 -4.68 -18.80
N ARG A 115 5.76 -4.59 -19.87
CA ARG A 115 4.73 -3.58 -20.03
C ARG A 115 3.87 -3.41 -18.77
N THR A 116 3.60 -4.50 -18.04
CA THR A 116 2.68 -4.46 -16.87
C THR A 116 3.33 -4.65 -15.48
N ILE A 117 4.65 -4.85 -15.42
CA ILE A 117 5.39 -5.16 -14.19
C ILE A 117 6.69 -4.35 -14.17
N GLN A 118 6.87 -3.53 -13.12
CA GLN A 118 8.08 -2.73 -12.95
C GLN A 118 8.29 -2.55 -11.46
N THR A 119 9.56 -2.41 -11.04
CA THR A 119 9.86 -2.06 -9.65
C THR A 119 9.63 -0.57 -9.45
N ILE A 120 9.49 -0.16 -8.20
CA ILE A 120 9.36 1.25 -7.84
C ILE A 120 10.53 1.62 -6.92
N ALA A 121 11.03 2.84 -7.06
CA ALA A 121 12.17 3.31 -6.30
C ALA A 121 11.82 3.65 -4.86
N LEU A 122 12.71 3.26 -3.94
CA LEU A 122 12.63 3.73 -2.56
C LEU A 122 13.14 5.16 -2.48
N PRO A 123 12.63 5.94 -1.53
CA PRO A 123 13.20 7.28 -1.36
C PRO A 123 14.55 7.17 -0.63
N SER A 124 15.36 8.21 -0.76
CA SER A 124 16.64 8.25 -0.05
C SER A 124 16.37 8.56 1.41
N MET A 125 17.29 8.11 2.27
CA MET A 125 17.12 8.18 3.73
C MET A 125 16.58 9.54 4.19
N TYR A 126 15.46 9.51 4.91
CA TYR A 126 14.77 10.71 5.42
C TYR A 126 14.29 11.75 4.37
N ASN A 127 14.39 11.42 3.08
CA ASN A 127 14.03 12.34 2.00
C ASN A 127 12.58 12.16 1.52
N ASP A 128 11.71 13.09 1.93
CA ASP A 128 10.31 13.14 1.49
C ASP A 128 10.02 14.44 0.75
N PRO A 129 8.93 14.49 -0.06
CA PRO A 129 8.57 15.74 -0.71
C PRO A 129 7.92 16.71 0.27
N GLN A 130 7.79 17.99 -0.13
CA GLN A 130 7.17 19.03 0.71
C GLN A 130 5.67 18.87 0.82
N PHE A 131 5.07 19.49 1.84
CA PHE A 131 3.60 19.51 2.00
C PHE A 131 2.96 20.33 0.88
N GLY A 132 1.75 19.93 0.47
CA GLY A 132 1.12 20.47 -0.73
C GLY A 132 1.50 19.77 -2.04
N THR A 133 2.48 18.86 -1.98
CA THR A 133 2.88 18.08 -3.16
C THR A 133 1.81 17.04 -3.46
N SER A 134 1.53 16.84 -4.75
CA SER A 134 0.50 15.92 -5.22
C SER A 134 1.10 14.52 -5.43
N CYS A 135 0.47 13.53 -4.83
CA CYS A 135 0.92 12.14 -4.93
C CYS A 135 -0.26 11.26 -5.34
N GLU A 136 0.04 10.03 -5.76
CA GLU A 136 -1.01 9.12 -6.18
C GLU A 136 -1.07 7.89 -5.32
N ILE A 137 -2.30 7.41 -5.12
CA ILE A 137 -2.57 6.17 -4.40
C ILE A 137 -3.35 5.25 -5.32
N THR A 138 -3.20 3.96 -5.11
CA THR A 138 -3.77 2.95 -6.00
C THR A 138 -4.25 1.77 -5.18
N GLY A 139 -5.34 1.14 -5.62
CA GLY A 139 -5.83 -0.03 -4.93
C GLY A 139 -7.15 -0.61 -5.42
N PHE A 140 -7.45 -1.79 -4.89
CA PHE A 140 -8.72 -2.50 -5.10
C PHE A 140 -9.70 -2.28 -3.93
N GLY A 141 -9.41 -1.33 -3.06
CA GLY A 141 -10.25 -1.10 -1.90
C GLY A 141 -11.60 -0.48 -2.24
N LYS A 142 -12.45 -0.43 -1.22
CA LYS A 142 -13.84 0.03 -1.42
C LYS A 142 -13.96 1.39 -2.09
N GLU A 143 -14.95 1.51 -2.96
CA GLU A 143 -15.31 2.76 -3.60
C GLU A 143 -16.16 3.69 -2.70
N GLN A 144 -16.81 3.11 -1.69
CA GLN A 144 -17.58 3.88 -0.69
C GLN A 144 -17.42 3.13 0.64
N SER A 145 -17.15 3.86 1.72
CA SER A 145 -17.02 3.24 3.07
C SER A 145 -18.12 2.23 3.42
N THR A 146 -19.34 2.49 2.95
CA THR A 146 -20.52 1.64 3.20
C THR A 146 -20.65 0.39 2.33
N ASP A 147 -19.88 0.29 1.24
CA ASP A 147 -19.96 -0.86 0.33
C ASP A 147 -19.57 -2.15 1.01
N TYR A 148 -20.11 -3.25 0.49
CA TYR A 148 -19.73 -4.58 0.91
C TYR A 148 -18.92 -5.33 -0.15
N LEU A 149 -18.84 -4.79 -1.37
CA LEU A 149 -18.03 -5.39 -2.43
C LEU A 149 -16.84 -4.49 -2.72
N TYR A 150 -15.77 -5.09 -3.24
CA TYR A 150 -14.63 -4.33 -3.73
C TYR A 150 -14.87 -4.15 -5.21
N PRO A 151 -14.32 -3.06 -5.78
CA PRO A 151 -14.45 -2.90 -7.22
C PRO A 151 -13.59 -3.94 -7.93
N GLU A 152 -14.01 -4.31 -9.13
CA GLU A 152 -13.37 -5.38 -9.89
C GLU A 152 -12.17 -4.86 -10.70
N GLN A 153 -12.14 -3.55 -10.97
CA GLN A 153 -11.08 -2.92 -11.72
C GLN A 153 -10.25 -2.00 -10.79
N LEU A 154 -8.95 -1.99 -11.06
CA LEU A 154 -8.00 -1.24 -10.25
C LEU A 154 -8.31 0.24 -10.38
N LYS A 155 -8.19 0.95 -9.26
CA LYS A 155 -8.41 2.39 -9.24
C LYS A 155 -7.17 3.11 -8.71
N MET A 156 -7.07 4.38 -9.08
CA MET A 156 -6.12 5.33 -8.50
C MET A 156 -6.73 6.70 -8.33
N THR A 157 -6.09 7.50 -7.49
CA THR A 157 -6.49 8.89 -7.36
C THR A 157 -5.29 9.73 -6.92
N VAL A 158 -5.52 11.02 -6.80
CA VAL A 158 -4.48 11.96 -6.41
C VAL A 158 -4.86 12.61 -5.08
N VAL A 159 -3.87 12.70 -4.20
CA VAL A 159 -3.99 13.34 -2.90
C VAL A 159 -2.74 14.21 -2.64
N LYS A 160 -2.87 15.13 -1.68
CA LYS A 160 -1.83 16.09 -1.36
C LYS A 160 -1.24 15.84 0.03
N LEU A 161 0.09 15.76 0.12
CA LEU A 161 0.79 15.60 1.41
C LEU A 161 0.52 16.79 2.31
N ILE A 162 0.10 16.49 3.55
CA ILE A 162 -0.27 17.50 4.54
C ILE A 162 0.83 17.55 5.61
N SER A 163 1.17 18.74 6.07
CA SER A 163 2.20 18.93 7.11
C SER A 163 1.88 18.15 8.38
N HIS A 164 2.93 17.72 9.07
CA HIS A 164 2.77 17.13 10.40
C HIS A 164 2.03 18.09 11.31
N ARG A 165 2.56 19.31 11.43
CA ARG A 165 1.85 20.42 12.10
C ARG A 165 0.34 20.35 11.92
N GLU A 166 -0.10 20.34 10.65
CA GLU A 166 -1.52 20.35 10.34
C GLU A 166 -2.22 19.03 10.66
N CYS A 167 -1.53 17.91 10.49
CA CYS A 167 -2.10 16.61 10.88
C CYS A 167 -2.11 16.39 12.41
N GLN A 168 -1.34 17.18 13.14
CA GLN A 168 -1.43 17.25 14.59
C GLN A 168 -2.71 17.85 15.17
N GLN A 169 -3.38 18.73 14.44
CA GLN A 169 -4.45 19.51 15.04
C GLN A 169 -5.53 18.63 15.63
N PRO A 170 -6.09 19.10 16.82
CA PRO A 170 -6.99 18.11 17.47
C PRO A 170 -8.26 17.78 16.70
N HIS A 171 -8.64 18.60 15.74
CA HIS A 171 -9.76 18.25 14.93
C HIS A 171 -9.33 17.24 13.87
N TYR A 172 -8.04 16.94 13.81
CA TYR A 172 -7.56 15.82 12.97
C TYR A 172 -7.28 14.58 13.81
N TYR A 173 -6.02 14.19 13.93
CA TYR A 173 -5.69 12.99 14.70
C TYR A 173 -4.84 13.19 15.95
N GLY A 174 -4.28 14.37 16.14
CA GLY A 174 -3.66 14.72 17.41
C GLY A 174 -2.39 13.95 17.72
N SER A 175 -2.37 13.31 18.89
CA SER A 175 -1.21 12.52 19.35
C SER A 175 -0.99 11.24 18.55
N GLU A 176 -2.08 10.70 17.99
CA GLU A 176 -2.07 9.42 17.28
C GLU A 176 -1.12 9.38 16.07
N VAL A 177 -0.98 10.50 15.37
CA VAL A 177 -0.05 10.62 14.24
C VAL A 177 1.37 10.97 14.74
N THR A 178 2.37 10.26 14.20
CA THR A 178 3.76 10.36 14.66
C THR A 178 4.68 10.63 13.48
N THR A 179 5.97 10.83 13.74
CA THR A 179 6.96 11.12 12.68
C THR A 179 7.39 9.89 11.85
N LYS A 180 6.88 8.71 12.20
CA LYS A 180 6.99 7.52 11.34
C LYS A 180 5.80 7.39 10.37
N MET A 181 4.98 8.45 10.28
CA MET A 181 3.80 8.48 9.43
C MET A 181 3.82 9.75 8.56
N LEU A 182 3.05 9.71 7.46
CA LEU A 182 2.69 10.89 6.67
C LEU A 182 1.19 10.96 6.55
N CYS A 183 0.65 12.17 6.48
CA CYS A 183 -0.76 12.40 6.20
C CYS A 183 -0.95 12.92 4.76
N ALA A 184 -2.06 12.55 4.14
CA ALA A 184 -2.39 13.01 2.79
C ALA A 184 -3.88 12.97 2.61
N ALA A 185 -4.42 13.96 1.95
CA ALA A 185 -5.84 14.02 1.71
C ALA A 185 -6.16 14.94 0.59
N ASP A 186 -7.39 14.92 0.16
CA ASP A 186 -7.86 15.85 -0.84
C ASP A 186 -8.10 17.19 -0.23
N PRO A 187 -7.80 18.29 -1.06
CA PRO A 187 -8.08 19.58 -0.44
C PRO A 187 -9.53 19.72 -0.10
N GLN A 188 -10.42 19.18 -0.90
CA GLN A 188 -11.83 19.25 -0.59
C GLN A 188 -12.42 18.00 0.05
N TRP A 189 -11.58 17.05 0.42
CA TRP A 189 -11.99 15.83 1.10
C TRP A 189 -12.92 14.92 0.29
N LYS A 190 -12.84 14.95 -1.02
CA LYS A 190 -13.72 14.17 -1.85
C LYS A 190 -13.15 12.84 -2.36
N THR A 191 -11.87 12.60 -2.13
CA THR A 191 -11.22 11.37 -2.56
C THR A 191 -10.22 10.88 -1.54
N ASP A 192 -10.01 9.56 -1.46
CA ASP A 192 -9.23 8.97 -0.37
C ASP A 192 -9.03 7.47 -0.58
N SER A 193 -8.06 6.89 0.12
CA SER A 193 -7.99 5.44 0.24
C SER A 193 -9.13 4.97 1.16
N CYS A 194 -9.42 3.68 1.13
CA CYS A 194 -10.46 3.09 1.99
C CYS A 194 -10.10 1.65 2.33
N GLN A 195 -10.98 0.96 3.05
CA GLN A 195 -10.75 -0.44 3.43
C GLN A 195 -10.43 -1.30 2.21
N GLY A 196 -9.37 -2.10 2.32
CA GLY A 196 -8.87 -2.91 1.22
C GLY A 196 -7.73 -2.28 0.43
N ASP A 197 -7.50 -0.97 0.60
CA ASP A 197 -6.38 -0.29 -0.03
C ASP A 197 -5.12 -0.38 0.83
N SER A 198 -5.23 -0.85 2.08
CA SER A 198 -4.07 -0.98 2.95
C SER A 198 -2.93 -1.76 2.30
N GLY A 199 -1.71 -1.33 2.62
CA GLY A 199 -0.51 -1.95 2.08
C GLY A 199 -0.06 -1.42 0.74
N GLY A 200 -0.97 -0.76 0.02
CA GLY A 200 -0.64 -0.17 -1.25
C GLY A 200 0.17 1.13 -1.23
N PRO A 201 0.62 1.54 -2.43
CA PRO A 201 1.58 2.63 -2.55
C PRO A 201 0.98 4.02 -2.50
N LEU A 202 1.72 4.93 -1.87
CA LEU A 202 1.55 6.36 -2.03
C LEU A 202 2.79 6.83 -2.81
N VAL A 203 2.58 7.25 -4.05
CA VAL A 203 3.66 7.47 -5.01
C VAL A 203 3.80 8.97 -5.31
N CYS A 204 5.00 9.51 -5.11
CA CYS A 204 5.29 10.92 -5.37
C CYS A 204 6.51 11.04 -6.29
N SER A 205 6.52 12.09 -7.12
CA SER A 205 7.66 12.42 -7.94
C SER A 205 8.76 12.97 -7.06
N LEU A 206 9.93 12.33 -7.10
CA LEU A 206 11.07 12.73 -6.28
C LEU A 206 12.36 12.57 -7.10
N GLN A 207 13.07 13.70 -7.30
CA GLN A 207 14.21 13.78 -8.22
C GLN A 207 13.86 13.23 -9.63
N GLY A 208 12.72 13.69 -10.16
CA GLY A 208 12.23 13.29 -11.48
C GLY A 208 11.99 11.79 -11.65
N ARG A 209 11.53 11.17 -10.58
CA ARG A 209 11.39 9.72 -10.50
C ARG A 209 10.20 9.39 -9.61
N MET A 210 9.35 8.46 -10.05
CA MET A 210 8.23 7.98 -9.23
C MET A 210 8.85 7.23 -8.04
N THR A 211 8.57 7.67 -6.82
CA THR A 211 9.16 7.09 -5.60
C THR A 211 8.11 6.64 -4.57
N LEU A 212 8.36 5.50 -3.93
CA LEU A 212 7.44 4.98 -2.91
C LEU A 212 7.62 5.72 -1.60
N THR A 213 6.83 6.76 -1.43
CA THR A 213 6.94 7.67 -0.28
C THR A 213 6.13 7.18 0.91
N GLY A 214 4.95 6.60 0.65
CA GLY A 214 4.13 6.07 1.72
C GLY A 214 3.55 4.69 1.45
N ILE A 215 2.99 4.09 2.51
CA ILE A 215 2.24 2.83 2.42
C ILE A 215 0.91 3.08 3.10
N VAL A 216 -0.20 2.76 2.42
CA VAL A 216 -1.54 2.97 2.94
C VAL A 216 -1.64 2.22 4.30
N SER A 217 -1.98 2.93 5.38
CA SER A 217 -1.99 2.38 6.76
C SER A 217 -3.35 2.45 7.44
N TRP A 218 -3.89 3.66 7.64
CA TRP A 218 -5.17 3.84 8.35
C TRP A 218 -5.77 5.23 8.22
N GLY A 219 -7.02 5.34 8.59
CA GLY A 219 -7.72 6.61 8.58
C GLY A 219 -9.03 6.47 9.30
N ARG A 220 -9.66 7.58 9.65
CA ARG A 220 -10.88 7.52 10.41
C ARG A 220 -12.06 6.87 9.74
N GLY A 221 -12.26 7.18 8.48
CA GLY A 221 -13.30 6.57 7.69
C GLY A 221 -12.64 6.65 6.34
N CYS A 222 -13.41 6.89 5.30
CA CYS A 222 -12.82 7.23 4.03
C CYS A 222 -13.41 8.52 3.46
N ALA A 223 -12.56 9.47 3.12
CA ALA A 223 -12.99 10.74 2.55
C ALA A 223 -13.87 11.60 3.44
N LEU A 224 -13.64 11.56 4.74
CA LEU A 224 -14.41 12.31 5.70
C LEU A 224 -13.69 13.59 6.00
N LYS A 225 -14.41 14.65 6.31
CA LYS A 225 -13.76 15.93 6.55
C LYS A 225 -12.81 15.83 7.73
N ASP A 226 -11.65 16.46 7.58
CA ASP A 226 -10.64 16.66 8.60
C ASP A 226 -10.11 15.35 9.10
N LYS A 227 -10.24 14.33 8.28
CA LYS A 227 -9.70 13.03 8.62
C LYS A 227 -8.95 12.44 7.45
N PRO A 228 -7.68 13.00 7.26
CA PRO A 228 -6.97 12.49 6.08
C PRO A 228 -6.46 11.07 6.17
N GLY A 229 -6.02 10.51 5.04
CA GLY A 229 -5.41 9.20 5.02
C GLY A 229 -4.07 9.25 5.73
N VAL A 230 -3.74 8.20 6.48
CA VAL A 230 -2.44 8.12 7.14
C VAL A 230 -1.68 6.98 6.54
N TYR A 231 -0.37 7.20 6.42
CA TYR A 231 0.49 6.38 5.62
C TYR A 231 1.76 6.12 6.39
N THR A 232 2.35 4.93 6.23
CA THR A 232 3.66 4.64 6.78
C THR A 232 4.73 5.41 5.99
N ARG A 233 5.58 6.15 6.72
CA ARG A 233 6.56 7.03 6.11
C ARG A 233 7.78 6.23 5.73
N VAL A 234 7.89 5.89 4.45
CA VAL A 234 8.87 4.90 3.98
C VAL A 234 10.33 5.33 4.21
N SER A 235 10.59 6.63 4.03
CA SER A 235 11.94 7.21 4.15
C SER A 235 12.57 7.07 5.55
N HIS A 236 11.74 6.81 6.56
CA HIS A 236 12.22 6.55 7.93
C HIS A 236 12.34 5.05 8.27
N PHE A 237 12.28 4.16 7.27
CA PHE A 237 12.42 2.71 7.49
C PHE A 237 13.48 2.04 6.60
N LEU A 238 14.39 2.81 6.01
CA LEU A 238 15.39 2.21 5.13
C LEU A 238 16.28 1.17 5.82
N PRO A 239 16.76 1.46 7.06
CA PRO A 239 17.57 0.46 7.76
C PRO A 239 16.82 -0.86 7.98
N TRP A 240 15.56 -0.77 8.41
CA TRP A 240 14.69 -1.96 8.53
C TRP A 240 14.58 -2.70 7.19
N ILE A 241 14.40 -1.95 6.11
CA ILE A 241 14.21 -2.53 4.77
C ILE A 241 15.49 -3.19 4.25
N ARG A 242 16.60 -2.43 4.22
CA ARG A 242 17.91 -2.97 3.80
C ARG A 242 18.33 -4.21 4.61
N SER A 243 18.17 -4.14 5.92
CA SER A 243 18.55 -5.24 6.80
C SER A 243 17.77 -6.50 6.46
N HIS A 244 16.43 -6.37 6.49
CA HIS A 244 15.56 -7.52 6.24
C HIS A 244 15.48 -7.97 4.79
N THR A 245 16.03 -7.20 3.84
CA THR A 245 16.10 -7.63 2.44
C THR A 245 17.49 -8.22 2.09
N LYS A 246 17.93 -9.20 2.90
CA LYS A 246 19.21 -9.89 2.71
C LYS A 246 19.14 -11.37 3.07
N1 PZH B . -7.63 0.61 7.28
CB PZH B . -8.61 0.89 6.26
CG PZH B . -8.52 2.32 5.85
CD1 PZH B . -9.66 3.13 5.94
CE1 PZH B . -9.58 4.46 5.56
CZ PZH B . -8.38 4.99 5.08
CE2 PZH B . -7.24 4.19 4.99
CD2 PZH B . -7.32 2.85 5.38
BR PZH B . -8.30 6.80 4.58
S SO4 C . -7.52 -3.14 5.36
O1 SO4 C . -7.49 -2.18 4.23
O2 SO4 C . -6.34 -4.03 5.39
O3 SO4 C . -8.72 -3.98 5.20
O4 SO4 C . -7.55 -2.42 6.64
#